data_5KRE
#
_entry.id   5KRE
#
_cell.length_a   47.410
_cell.length_b   61.440
_cell.length_c   75.980
_cell.angle_alpha   90.000
_cell.angle_beta   90.000
_cell.angle_gamma   90.000
#
_symmetry.space_group_name_H-M   'P 21 21 21'
#
loop_
_entity.id
_entity.type
_entity.pdbx_description
1 polymer 'Lysophospholipase-like protein 1'
2 non-polymer (2~{R})-2-phenylpiperidine-1-carbaldehyde
3 non-polymer 'NITRATE ION'
4 water water
#
_entity_poly.entity_id   1
_entity_poly.type   'polypeptide(L)'
_entity_poly.pdbx_seq_one_letter_code
;GPMAAASGSVLQRCIVSPAGRHSASLIFLHGSGDSGQGLRMWIKQVLNQDLTFQHIKIIYPTAPPRSYTPMKGGISNVWF
DRFKITNDCPEHLESIDVMCQVLTDLIDEEVKSGIKKNRILIGGFSMGGCMAMHLAYRNHQDVAGVFALSSFLNKASAVY
QALQKSNGVLPELFQCHGTADELVLHSWAEETNSMLKSLGVTTKFHSFPNVYHELSKTELDILKLWILTKLPGEMEKQK
;
_entity_poly.pdbx_strand_id   A
#
loop_
_chem_comp.id
_chem_comp.type
_chem_comp.name
_chem_comp.formula
6WG non-polymer (2~{R})-2-phenylpiperidine-1-carbaldehyde 'C12 H15 N O'
NO3 non-polymer 'NITRATE ION' 'N O3 -1'
#
# COMPACT_ATOMS: atom_id res chain seq x y z
N VAL A 10 -9.86 -13.97 11.53
CA VAL A 10 -8.98 -14.00 10.36
C VAL A 10 -9.49 -13.00 9.31
N LEU A 11 -8.57 -12.37 8.55
CA LEU A 11 -8.90 -11.38 7.52
C LEU A 11 -9.71 -11.98 6.39
N GLN A 12 -10.84 -11.34 6.05
CA GLN A 12 -11.58 -11.75 4.86
C GLN A 12 -10.78 -11.16 3.68
N ARG A 13 -10.90 -11.79 2.50
CA ARG A 13 -10.15 -11.36 1.32
C ARG A 13 -10.79 -11.79 0.02
N CYS A 14 -10.38 -11.12 -1.06
CA CYS A 14 -10.75 -11.46 -2.42
C CYS A 14 -9.44 -11.83 -3.13
N ILE A 15 -9.40 -13.02 -3.72
CA ILE A 15 -8.20 -13.52 -4.42
C ILE A 15 -8.43 -13.53 -5.92
N VAL A 16 -7.59 -12.79 -6.64
CA VAL A 16 -7.65 -12.80 -8.10
C VAL A 16 -6.49 -13.68 -8.55
N SER A 17 -6.80 -14.86 -9.03
CA SER A 17 -5.74 -15.79 -9.45
C SER A 17 -4.89 -15.30 -10.61
N PRO A 18 -3.66 -15.86 -10.76
CA PRO A 18 -2.91 -15.66 -12.00
C PRO A 18 -3.59 -16.52 -13.09
N ALA A 19 -3.29 -16.24 -14.36
CA ALA A 19 -3.82 -16.98 -15.49
C ALA A 19 -3.17 -18.37 -15.58
N GLY A 20 -1.90 -18.44 -15.17
CA GLY A 20 -1.11 -19.66 -15.19
C GLY A 20 -0.49 -19.97 -13.84
N ARG A 21 0.62 -20.69 -13.84
CA ARG A 21 1.34 -21.12 -12.63
C ARG A 21 1.66 -19.95 -11.70
N HIS A 22 1.32 -20.08 -10.42
CA HIS A 22 1.54 -19.03 -9.42
C HIS A 22 3.01 -19.00 -8.98
N SER A 23 3.71 -17.87 -9.21
CA SER A 23 5.13 -17.74 -8.81
C SER A 23 5.40 -16.43 -8.03
N ALA A 24 4.39 -15.54 -7.92
CA ALA A 24 4.55 -14.26 -7.21
C ALA A 24 3.23 -13.81 -6.66
N SER A 25 3.25 -12.89 -5.67
CA SER A 25 1.98 -12.43 -5.09
C SER A 25 1.96 -10.93 -4.89
N LEU A 26 0.79 -10.34 -5.06
CA LEU A 26 0.58 -8.91 -4.89
C LEU A 26 -0.46 -8.71 -3.81
N ILE A 27 -0.08 -8.08 -2.69
CA ILE A 27 -0.99 -7.77 -1.58
C ILE A 27 -1.39 -6.32 -1.80
N PHE A 28 -2.65 -6.10 -2.16
CA PHE A 28 -3.16 -4.76 -2.53
C PHE A 28 -4.18 -4.31 -1.49
N LEU A 29 -3.82 -3.30 -0.67
CA LEU A 29 -4.65 -2.84 0.46
C LEU A 29 -5.56 -1.64 0.15
N HIS A 30 -6.86 -1.78 0.45
CA HIS A 30 -7.87 -0.76 0.17
C HIS A 30 -7.71 0.48 1.07
N GLY A 31 -8.35 1.59 0.66
CA GLY A 31 -8.37 2.83 1.42
C GLY A 31 -9.45 2.82 2.49
N SER A 32 -9.55 3.89 3.29
CA SER A 32 -10.55 3.96 4.36
C SER A 32 -11.99 3.69 3.88
N GLY A 33 -12.74 2.93 4.70
CA GLY A 33 -14.15 2.62 4.47
C GLY A 33 -14.49 1.66 3.34
N ASP A 34 -13.50 1.11 2.66
CA ASP A 34 -13.71 0.19 1.52
C ASP A 34 -13.57 -1.27 2.01
N SER A 35 -13.35 -2.20 1.08
CA SER A 35 -13.16 -3.62 1.37
C SER A 35 -12.30 -4.15 0.26
N GLY A 36 -11.81 -5.39 0.41
CA GLY A 36 -10.99 -6.00 -0.63
C GLY A 36 -11.72 -6.12 -1.96
N GLN A 37 -12.96 -6.67 -1.93
CA GLN A 37 -13.82 -6.80 -3.11
C GLN A 37 -14.19 -5.42 -3.68
N GLY A 38 -14.45 -4.44 -2.83
CA GLY A 38 -14.76 -3.07 -3.24
C GLY A 38 -13.63 -2.46 -4.07
N LEU A 39 -12.37 -2.61 -3.60
CA LEU A 39 -11.19 -2.10 -4.34
C LEU A 39 -11.03 -2.86 -5.65
N ARG A 40 -11.12 -4.21 -5.60
CA ARG A 40 -11.02 -5.05 -6.83
C ARG A 40 -12.04 -4.53 -7.89
N MET A 41 -13.30 -4.27 -7.46
CA MET A 41 -14.38 -3.77 -8.33
C MET A 41 -14.15 -2.35 -8.80
N TRP A 42 -13.52 -1.52 -7.96
CA TRP A 42 -13.18 -0.15 -8.31
C TRP A 42 -12.12 -0.18 -9.43
N ILE A 43 -11.04 -0.96 -9.23
CA ILE A 43 -9.99 -1.18 -10.23
C ILE A 43 -10.61 -1.71 -11.55
N LYS A 44 -11.55 -2.66 -11.46
CA LYS A 44 -12.25 -3.24 -12.63
C LYS A 44 -12.98 -2.15 -13.41
N GLN A 45 -13.68 -1.24 -12.69
CA GLN A 45 -14.40 -0.12 -13.32
C GLN A 45 -13.43 0.81 -14.00
N VAL A 46 -12.32 1.14 -13.34
CA VAL A 46 -11.34 2.09 -13.86
C VAL A 46 -10.63 1.56 -15.12
N LEU A 47 -10.34 0.24 -15.14
CA LEU A 47 -9.64 -0.40 -16.26
C LEU A 47 -10.57 -0.96 -17.32
N ASN A 48 -11.89 -1.00 -17.04
CA ASN A 48 -12.95 -1.57 -17.87
C ASN A 48 -12.80 -3.11 -18.06
N GLN A 49 -12.07 -3.76 -17.13
CA GLN A 49 -11.82 -5.19 -17.02
C GLN A 49 -10.98 -5.41 -15.75
N ASP A 50 -10.98 -6.63 -15.20
CA ASP A 50 -10.21 -6.94 -14.01
C ASP A 50 -8.73 -6.77 -14.23
N LEU A 51 -8.01 -6.38 -13.17
CA LEU A 51 -6.57 -6.34 -13.23
C LEU A 51 -6.15 -7.80 -13.01
N THR A 52 -5.37 -8.38 -13.96
CA THR A 52 -4.90 -9.78 -13.81
C THR A 52 -3.47 -9.89 -14.33
N PHE A 53 -2.78 -10.96 -13.90
CA PHE A 53 -1.40 -11.22 -14.35
C PHE A 53 -1.28 -12.68 -14.76
N GLN A 54 -0.20 -12.99 -15.45
CA GLN A 54 0.07 -14.37 -15.87
C GLN A 54 0.49 -15.27 -14.71
N HIS A 55 1.39 -14.78 -13.83
N HIS A 55 1.34 -14.76 -13.81
CA HIS A 55 1.96 -15.57 -12.74
CA HIS A 55 1.95 -15.55 -12.72
C HIS A 55 1.83 -14.94 -11.35
C HIS A 55 1.78 -14.95 -11.34
N ILE A 56 1.20 -13.76 -11.25
CA ILE A 56 1.04 -13.06 -9.98
C ILE A 56 -0.38 -13.19 -9.50
N LYS A 57 -0.54 -13.72 -8.27
CA LYS A 57 -1.83 -13.84 -7.60
C LYS A 57 -2.07 -12.51 -6.89
N ILE A 58 -3.30 -11.97 -6.99
CA ILE A 58 -3.61 -10.71 -6.30
C ILE A 58 -4.45 -10.98 -5.08
N ILE A 59 -3.98 -10.52 -3.90
CA ILE A 59 -4.69 -10.68 -2.64
C ILE A 59 -5.21 -9.29 -2.20
N TYR A 60 -6.53 -9.17 -2.07
CA TYR A 60 -7.20 -7.94 -1.64
C TYR A 60 -7.85 -8.23 -0.29
N PRO A 61 -7.12 -8.08 0.85
CA PRO A 61 -7.76 -8.34 2.15
C PRO A 61 -8.64 -7.16 2.59
N THR A 62 -9.56 -7.42 3.53
CA THR A 62 -10.46 -6.40 4.07
C THR A 62 -10.04 -6.03 5.50
N ALA A 63 -9.93 -4.72 5.78
CA ALA A 63 -9.62 -4.25 7.13
C ALA A 63 -10.83 -4.59 8.00
N PRO A 64 -10.64 -5.28 9.15
CA PRO A 64 -11.79 -5.59 10.01
C PRO A 64 -12.45 -4.30 10.50
N PRO A 65 -13.79 -4.27 10.65
CA PRO A 65 -14.42 -3.03 11.15
C PRO A 65 -13.91 -2.66 12.53
N ARG A 66 -13.63 -1.35 12.75
CA ARG A 66 -13.11 -0.85 14.04
C ARG A 66 -13.43 0.64 14.16
N SER A 67 -13.30 1.20 15.38
CA SER A 67 -13.55 2.61 15.68
C SER A 67 -12.59 3.48 14.90
N TYR A 68 -13.07 4.58 14.34
CA TYR A 68 -12.24 5.49 13.57
C TYR A 68 -12.50 6.89 14.13
N THR A 69 -11.43 7.50 14.74
CA THR A 69 -11.52 8.80 15.45
C THR A 69 -11.99 9.95 14.53
N PRO A 70 -11.55 10.11 13.25
CA PRO A 70 -12.11 11.22 12.43
C PRO A 70 -13.61 11.08 12.13
N MET A 71 -14.16 9.87 12.29
CA MET A 71 -15.59 9.58 12.13
C MET A 71 -16.28 9.59 13.52
N LYS A 72 -15.64 10.26 14.51
CA LYS A 72 -16.13 10.42 15.88
C LYS A 72 -16.36 9.06 16.58
N GLY A 73 -15.44 8.12 16.35
CA GLY A 73 -15.50 6.78 16.94
C GLY A 73 -16.40 5.81 16.21
N GLY A 74 -17.07 6.27 15.14
CA GLY A 74 -17.92 5.46 14.28
C GLY A 74 -17.15 4.27 13.71
N ILE A 75 -17.85 3.16 13.41
CA ILE A 75 -17.18 1.95 12.94
C ILE A 75 -16.92 2.02 11.42
N SER A 76 -15.70 1.70 11.01
CA SER A 76 -15.35 1.71 9.59
C SER A 76 -14.30 0.63 9.29
N ASN A 77 -14.17 0.24 8.02
CA ASN A 77 -13.14 -0.71 7.58
C ASN A 77 -11.88 0.11 7.31
N VAL A 78 -11.13 0.35 8.37
CA VAL A 78 -9.89 1.13 8.35
C VAL A 78 -8.77 0.25 8.86
N TRP A 79 -7.60 0.29 8.22
CA TRP A 79 -6.44 -0.51 8.65
C TRP A 79 -5.92 -0.09 10.03
N PHE A 80 -6.03 1.23 10.34
CA PHE A 80 -5.54 1.82 11.59
C PHE A 80 -6.28 3.10 11.87
N ASP A 81 -6.07 3.67 13.07
CA ASP A 81 -6.73 4.91 13.42
C ASP A 81 -5.83 6.13 13.16
N ARG A 82 -6.44 7.31 13.09
CA ARG A 82 -5.77 8.60 12.93
C ARG A 82 -6.43 9.57 13.89
N PHE A 83 -5.65 10.45 14.51
CA PHE A 83 -6.22 11.44 15.42
C PHE A 83 -6.96 12.54 14.65
N LYS A 84 -6.38 12.98 13.52
CA LYS A 84 -6.82 14.08 12.66
C LYS A 84 -6.30 13.84 11.25
N ILE A 85 -6.93 14.46 10.25
CA ILE A 85 -6.46 14.31 8.88
C ILE A 85 -5.43 15.42 8.58
N THR A 86 -4.17 15.11 8.88
CA THR A 86 -2.99 15.96 8.68
C THR A 86 -1.75 15.11 8.86
N ASN A 87 -0.63 15.56 8.32
CA ASN A 87 0.64 14.85 8.48
C ASN A 87 1.38 15.44 9.69
N ASP A 88 0.81 16.55 10.25
CA ASP A 88 1.40 17.33 11.35
C ASP A 88 1.05 16.85 12.77
N CYS A 89 0.51 15.65 12.90
CA CYS A 89 0.20 15.12 14.22
C CYS A 89 0.92 13.77 14.32
N PRO A 90 1.11 13.19 15.52
CA PRO A 90 1.76 11.87 15.59
C PRO A 90 0.89 10.81 14.95
N GLU A 91 1.50 9.76 14.39
CA GLU A 91 0.73 8.65 13.85
C GLU A 91 0.25 7.82 15.07
N HIS A 92 -0.85 7.08 14.93
CA HIS A 92 -1.38 6.24 16.01
C HIS A 92 -0.67 4.88 15.90
N LEU A 93 0.56 4.79 16.45
CA LEU A 93 1.43 3.62 16.42
C LEU A 93 0.79 2.36 17.00
N GLU A 94 0.03 2.46 18.10
CA GLU A 94 -0.59 1.27 18.72
C GLU A 94 -1.53 0.53 17.70
N SER A 95 -2.44 1.26 16.99
CA SER A 95 -3.31 0.61 15.99
C SER A 95 -2.51 0.12 14.76
N ILE A 96 -1.48 0.88 14.33
CA ILE A 96 -0.63 0.49 13.22
C ILE A 96 0.10 -0.82 13.56
N ASP A 97 0.69 -0.92 14.78
CA ASP A 97 1.43 -2.13 15.17
C ASP A 97 0.54 -3.37 15.25
N VAL A 98 -0.71 -3.22 15.76
CA VAL A 98 -1.69 -4.33 15.82
C VAL A 98 -1.91 -4.87 14.37
N MET A 99 -2.20 -3.99 13.42
CA MET A 99 -2.42 -4.37 12.01
C MET A 99 -1.17 -4.87 11.32
N CYS A 100 0.03 -4.41 11.75
CA CYS A 100 1.29 -4.91 11.19
C CYS A 100 1.44 -6.41 11.47
N GLN A 101 1.02 -6.84 12.68
CA GLN A 101 1.07 -8.25 13.11
C GLN A 101 0.07 -9.10 12.32
N VAL A 102 -1.17 -8.60 12.17
CA VAL A 102 -2.25 -9.29 11.43
C VAL A 102 -1.80 -9.48 9.95
N LEU A 103 -1.26 -8.42 9.33
CA LEU A 103 -0.81 -8.50 7.93
C LEU A 103 0.46 -9.31 7.77
N THR A 104 1.31 -9.40 8.84
CA THR A 104 2.52 -10.26 8.81
C THR A 104 2.06 -11.76 8.68
N ASP A 105 0.97 -12.15 9.37
CA ASP A 105 0.36 -13.49 9.30
C ASP A 105 -0.12 -13.80 7.88
N LEU A 106 -0.61 -12.78 7.16
CA LEU A 106 -1.05 -12.89 5.76
C LEU A 106 0.17 -13.11 4.84
N ILE A 107 1.25 -12.36 5.10
CA ILE A 107 2.50 -12.53 4.35
C ILE A 107 3.07 -13.94 4.63
N ASP A 108 3.07 -14.35 5.91
CA ASP A 108 3.58 -15.67 6.31
C ASP A 108 2.78 -16.82 5.70
N GLU A 109 1.45 -16.67 5.52
CA GLU A 109 0.68 -17.75 4.89
C GLU A 109 1.00 -17.83 3.39
N GLU A 110 1.37 -16.70 2.73
CA GLU A 110 1.82 -16.71 1.33
C GLU A 110 3.15 -17.43 1.20
N VAL A 111 4.12 -17.12 2.12
CA VAL A 111 5.45 -17.76 2.15
C VAL A 111 5.30 -19.28 2.39
N LYS A 112 4.41 -19.67 3.30
CA LYS A 112 4.09 -21.07 3.66
C LYS A 112 3.56 -21.82 2.43
N SER A 113 2.83 -21.10 1.56
CA SER A 113 2.28 -21.66 0.32
C SER A 113 3.34 -21.88 -0.76
N GLY A 114 4.57 -21.43 -0.53
CA GLY A 114 5.69 -21.61 -1.45
C GLY A 114 6.20 -20.40 -2.20
N ILE A 115 5.76 -19.20 -1.83
CA ILE A 115 6.22 -17.99 -2.48
C ILE A 115 7.32 -17.32 -1.63
N LYS A 116 8.48 -17.05 -2.22
CA LYS A 116 9.57 -16.37 -1.51
C LYS A 116 9.14 -14.94 -1.18
N LYS A 117 9.63 -14.39 -0.06
CA LYS A 117 9.34 -13.00 0.35
C LYS A 117 9.79 -12.03 -0.73
N ASN A 118 10.89 -12.34 -1.44
CA ASN A 118 11.37 -11.48 -2.52
C ASN A 118 10.48 -11.59 -3.79
N ARG A 119 9.42 -12.42 -3.74
CA ARG A 119 8.44 -12.55 -4.84
C ARG A 119 7.05 -12.02 -4.36
N ILE A 120 7.05 -11.22 -3.28
CA ILE A 120 5.85 -10.59 -2.74
C ILE A 120 5.99 -9.08 -2.86
N LEU A 121 4.97 -8.42 -3.41
CA LEU A 121 4.94 -6.97 -3.54
C LEU A 121 3.72 -6.49 -2.73
N ILE A 122 3.92 -5.46 -1.87
CA ILE A 122 2.85 -4.92 -1.01
C ILE A 122 2.57 -3.48 -1.39
N GLY A 123 1.31 -3.10 -1.35
CA GLY A 123 0.94 -1.74 -1.70
C GLY A 123 -0.49 -1.45 -1.40
N GLY A 124 -0.88 -0.20 -1.56
CA GLY A 124 -2.25 0.17 -1.28
C GLY A 124 -2.66 1.56 -1.68
N PHE A 125 -3.94 1.87 -1.45
CA PHE A 125 -4.50 3.16 -1.77
C PHE A 125 -4.81 3.87 -0.47
N SER A 126 -4.46 5.17 -0.39
CA SER A 126 -4.71 6.01 0.78
C SER A 126 -4.12 5.30 2.03
N MET A 127 -4.93 4.90 3.02
CA MET A 127 -4.53 4.17 4.23
C MET A 127 -3.74 2.87 3.94
N GLY A 128 -4.12 2.19 2.86
CA GLY A 128 -3.46 0.98 2.41
C GLY A 128 -1.99 1.19 2.03
N GLY A 129 -1.69 2.33 1.44
CA GLY A 129 -0.32 2.68 1.07
C GLY A 129 0.54 2.94 2.30
N CYS A 130 -0.03 3.66 3.30
CA CYS A 130 0.63 3.97 4.58
C CYS A 130 0.92 2.66 5.31
N MET A 131 -0.07 1.75 5.33
CA MET A 131 0.03 0.44 5.95
C MET A 131 1.14 -0.37 5.24
N ALA A 132 1.19 -0.34 3.89
CA ALA A 132 2.21 -1.07 3.13
C ALA A 132 3.62 -0.54 3.42
N MET A 133 3.77 0.79 3.58
CA MET A 133 5.09 1.38 3.89
C MET A 133 5.59 0.94 5.27
N HIS A 134 4.68 0.93 6.28
CA HIS A 134 5.02 0.47 7.64
C HIS A 134 5.46 -0.99 7.63
N LEU A 135 4.74 -1.82 6.87
CA LEU A 135 5.02 -3.25 6.75
C LEU A 135 6.38 -3.50 6.10
N ALA A 136 6.62 -2.88 4.94
CA ALA A 136 7.86 -3.05 4.19
C ALA A 136 9.10 -2.46 4.82
N TYR A 137 9.02 -1.21 5.31
CA TYR A 137 10.21 -0.56 5.81
C TYR A 137 10.51 -0.83 7.28
N ARG A 138 9.57 -1.40 8.02
CA ARG A 138 9.83 -1.68 9.43
C ARG A 138 10.00 -3.14 9.76
N ASN A 139 9.34 -4.03 9.01
CA ASN A 139 9.33 -5.46 9.33
C ASN A 139 9.69 -6.40 8.19
N HIS A 140 9.50 -5.98 6.94
CA HIS A 140 9.70 -6.88 5.80
C HIS A 140 10.49 -6.20 4.71
N GLN A 141 11.75 -5.82 5.01
CA GLN A 141 12.63 -5.15 4.06
C GLN A 141 13.09 -6.04 2.90
N ASP A 142 12.75 -7.33 2.94
CA ASP A 142 13.08 -8.31 1.91
C ASP A 142 11.96 -8.51 0.85
N VAL A 143 10.86 -7.74 0.90
CA VAL A 143 9.80 -7.83 -0.12
C VAL A 143 10.35 -7.31 -1.46
N ALA A 144 9.67 -7.63 -2.58
CA ALA A 144 10.13 -7.20 -3.92
C ALA A 144 10.00 -5.70 -4.13
N GLY A 145 9.06 -5.08 -3.44
CA GLY A 145 8.83 -3.66 -3.58
C GLY A 145 7.58 -3.24 -2.85
N VAL A 146 7.34 -1.92 -2.85
CA VAL A 146 6.19 -1.28 -2.18
C VAL A 146 5.58 -0.26 -3.12
N PHE A 147 4.26 -0.10 -3.07
CA PHE A 147 3.60 0.96 -3.85
C PHE A 147 2.55 1.67 -2.97
N ALA A 148 2.42 2.97 -3.16
CA ALA A 148 1.50 3.79 -2.40
C ALA A 148 0.79 4.73 -3.35
N LEU A 149 -0.53 4.63 -3.40
CA LEU A 149 -1.37 5.45 -4.27
C LEU A 149 -2.17 6.42 -3.41
N SER A 150 -1.90 7.73 -3.53
CA SER A 150 -2.58 8.81 -2.78
C SER A 150 -2.45 8.58 -1.29
N SER A 151 -1.19 8.44 -0.81
CA SER A 151 -0.89 8.13 0.60
C SER A 151 0.15 9.09 1.17
N PHE A 152 0.39 9.00 2.48
CA PHE A 152 1.38 9.84 3.16
C PHE A 152 1.74 9.24 4.52
N LEU A 153 2.89 9.63 5.04
CA LEU A 153 3.33 9.26 6.38
C LEU A 153 3.29 10.55 7.21
N ASN A 154 2.92 10.41 8.49
CA ASN A 154 2.93 11.54 9.42
C ASN A 154 4.38 11.90 9.70
N LYS A 155 4.61 13.14 10.13
CA LYS A 155 5.93 13.61 10.54
C LYS A 155 6.36 12.75 11.75
N ALA A 156 7.65 12.47 11.89
CA ALA A 156 8.25 11.66 12.97
C ALA A 156 7.80 10.18 12.95
N SER A 157 7.34 9.68 11.78
CA SER A 157 6.88 8.29 11.64
C SER A 157 7.92 7.29 12.09
N ALA A 158 7.45 6.15 12.64
CA ALA A 158 8.26 5.00 13.02
C ALA A 158 8.98 4.46 11.78
N VAL A 159 8.44 4.68 10.57
CA VAL A 159 9.09 4.27 9.31
C VAL A 159 10.45 5.00 9.19
N TYR A 160 10.46 6.31 9.46
CA TYR A 160 11.68 7.12 9.34
C TYR A 160 12.72 6.68 10.35
N GLN A 161 12.32 6.39 11.61
CA GLN A 161 13.23 5.92 12.66
C GLN A 161 13.82 4.57 12.29
N ALA A 162 13.00 3.67 11.70
CA ALA A 162 13.45 2.35 11.28
C ALA A 162 14.46 2.43 10.13
N LEU A 163 14.23 3.34 9.17
CA LEU A 163 15.12 3.53 8.02
C LEU A 163 16.44 4.18 8.43
N GLN A 164 16.41 5.09 9.43
CA GLN A 164 17.60 5.72 9.96
C GLN A 164 18.58 4.66 10.53
N LYS A 165 18.03 3.61 11.18
CA LYS A 165 18.78 2.49 11.79
C LYS A 165 19.06 1.33 10.79
N SER A 166 18.58 1.44 9.54
CA SER A 166 18.77 0.38 8.55
C SER A 166 20.07 0.58 7.77
N ASN A 167 20.65 -0.52 7.26
CA ASN A 167 21.88 -0.45 6.48
C ASN A 167 21.81 -1.27 5.19
N GLY A 168 20.87 -2.19 5.08
CA GLY A 168 20.76 -3.04 3.90
C GLY A 168 20.11 -2.40 2.68
N VAL A 169 19.89 -3.25 1.66
CA VAL A 169 19.17 -2.86 0.45
C VAL A 169 17.71 -2.82 0.92
N LEU A 170 16.97 -1.83 0.45
CA LEU A 170 15.59 -1.61 0.85
C LEU A 170 14.64 -1.81 -0.34
N PRO A 171 13.38 -2.22 -0.09
CA PRO A 171 12.42 -2.35 -1.20
C PRO A 171 12.18 -1.02 -1.89
N GLU A 172 12.13 -1.03 -3.21
CA GLU A 172 11.89 0.18 -4.01
C GLU A 172 10.43 0.61 -3.83
N LEU A 173 10.21 1.93 -3.78
CA LEU A 173 8.87 2.50 -3.62
C LEU A 173 8.37 3.10 -4.92
N PHE A 174 7.17 2.72 -5.32
CA PHE A 174 6.50 3.31 -6.45
C PHE A 174 5.37 4.17 -5.86
N GLN A 175 5.44 5.48 -5.99
CA GLN A 175 4.38 6.32 -5.39
C GLN A 175 3.69 7.21 -6.41
N CYS A 176 2.33 7.24 -6.40
CA CYS A 176 1.53 8.07 -7.30
C CYS A 176 0.66 9.01 -6.48
N HIS A 177 0.44 10.24 -6.99
CA HIS A 177 -0.46 11.18 -6.33
C HIS A 177 -1.11 12.11 -7.35
N GLY A 178 -2.34 12.52 -7.06
CA GLY A 178 -3.04 13.48 -7.92
C GLY A 178 -2.76 14.86 -7.36
N THR A 179 -2.34 15.81 -8.21
CA THR A 179 -2.01 17.17 -7.71
C THR A 179 -3.19 17.91 -7.08
N ALA A 180 -4.40 17.59 -7.53
CA ALA A 180 -5.59 18.29 -7.05
C ALA A 180 -6.30 17.58 -5.89
N ASP A 181 -5.65 16.58 -5.28
CA ASP A 181 -6.25 15.84 -4.14
C ASP A 181 -6.45 16.75 -2.91
N GLU A 182 -7.71 16.89 -2.45
CA GLU A 182 -8.06 17.73 -1.30
C GLU A 182 -8.19 16.92 0.01
N LEU A 183 -8.07 15.58 -0.07
CA LEU A 183 -8.16 14.66 1.10
C LEU A 183 -6.77 14.38 1.65
N VAL A 184 -5.85 13.94 0.77
CA VAL A 184 -4.41 13.78 1.06
C VAL A 184 -3.74 14.87 0.21
N LEU A 185 -3.25 15.93 0.86
CA LEU A 185 -2.60 16.99 0.09
C LEU A 185 -1.35 16.47 -0.60
N HIS A 186 -1.11 16.95 -1.82
CA HIS A 186 0.04 16.56 -2.62
C HIS A 186 1.36 16.86 -1.87
N SER A 187 1.40 17.97 -1.11
CA SER A 187 2.56 18.35 -0.31
C SER A 187 2.87 17.27 0.76
N TRP A 188 1.84 16.60 1.33
CA TRP A 188 2.07 15.52 2.33
C TRP A 188 2.71 14.31 1.68
N ALA A 189 2.21 13.93 0.48
CA ALA A 189 2.77 12.78 -0.26
C ALA A 189 4.19 13.10 -0.75
N GLU A 190 4.44 14.32 -1.22
CA GLU A 190 5.78 14.72 -1.70
C GLU A 190 6.81 14.74 -0.58
N GLU A 191 6.41 15.23 0.61
CA GLU A 191 7.27 15.28 1.79
C GLU A 191 7.66 13.85 2.15
N THR A 192 6.67 12.93 2.16
CA THR A 192 6.89 11.50 2.47
C THR A 192 7.92 10.92 1.50
N ASN A 193 7.74 11.17 0.20
CA ASN A 193 8.62 10.64 -0.83
C ASN A 193 10.04 11.20 -0.69
N SER A 194 10.17 12.51 -0.39
CA SER A 194 11.45 13.18 -0.20
C SER A 194 12.17 12.65 1.03
N MET A 195 11.41 12.42 2.11
CA MET A 195 11.92 11.87 3.37
C MET A 195 12.50 10.48 3.12
N LEU A 196 11.72 9.59 2.45
CA LEU A 196 12.15 8.23 2.16
C LEU A 196 13.39 8.23 1.27
N LYS A 197 13.44 9.10 0.25
CA LYS A 197 14.61 9.21 -0.63
C LYS A 197 15.88 9.63 0.16
N SER A 198 15.74 10.62 1.05
CA SER A 198 16.88 11.11 1.86
C SER A 198 17.36 10.03 2.84
N LEU A 199 16.49 9.04 3.13
CA LEU A 199 16.81 7.94 4.04
C LEU A 199 17.36 6.70 3.33
N GLY A 200 17.54 6.77 2.01
CA GLY A 200 18.16 5.70 1.24
C GLY A 200 17.24 4.82 0.41
N VAL A 201 15.95 5.18 0.34
CA VAL A 201 14.99 4.41 -0.41
C VAL A 201 15.01 4.88 -1.86
N THR A 202 15.10 3.94 -2.80
CA THR A 202 15.02 4.23 -4.23
C THR A 202 13.53 4.41 -4.52
N THR A 203 13.18 5.53 -5.11
CA THR A 203 11.76 5.80 -5.34
C THR A 203 11.49 6.37 -6.71
N LYS A 204 10.27 6.15 -7.18
CA LYS A 204 9.67 6.72 -8.37
C LYS A 204 8.43 7.49 -7.85
N PHE A 205 8.35 8.82 -8.08
CA PHE A 205 7.20 9.62 -7.64
C PHE A 205 6.49 10.14 -8.87
N HIS A 206 5.25 9.70 -9.08
CA HIS A 206 4.43 10.10 -10.23
C HIS A 206 3.33 11.06 -9.80
N SER A 207 3.40 12.29 -10.30
N SER A 207 3.41 12.32 -10.28
CA SER A 207 2.47 13.37 -10.00
CA SER A 207 2.43 13.38 -9.99
C SER A 207 1.50 13.55 -11.18
C SER A 207 1.49 13.50 -11.18
N PHE A 208 0.19 13.34 -10.92
CA PHE A 208 -0.84 13.42 -11.93
C PHE A 208 -1.64 14.70 -11.83
N PRO A 209 -1.44 15.66 -12.77
CA PRO A 209 -2.26 16.89 -12.73
C PRO A 209 -3.71 16.54 -13.08
N ASN A 210 -4.69 17.33 -12.59
CA ASN A 210 -6.12 17.08 -12.87
C ASN A 210 -6.65 15.74 -12.31
N VAL A 211 -5.92 15.12 -11.37
CA VAL A 211 -6.31 13.87 -10.70
C VAL A 211 -6.50 14.22 -9.22
N TYR A 212 -7.61 13.76 -8.63
CA TYR A 212 -7.99 14.08 -7.25
C TYR A 212 -7.69 12.85 -6.34
N HIS A 213 -8.54 12.53 -5.35
CA HIS A 213 -8.31 11.38 -4.46
C HIS A 213 -9.05 10.25 -5.10
N GLU A 214 -8.40 9.63 -6.06
CA GLU A 214 -9.03 8.61 -6.90
C GLU A 214 -8.00 7.80 -7.62
N LEU A 215 -8.45 6.73 -8.29
CA LEU A 215 -7.63 5.87 -9.16
C LEU A 215 -7.86 6.29 -10.59
N SER A 216 -6.78 6.45 -11.37
CA SER A 216 -6.96 6.79 -12.78
C SER A 216 -6.45 5.61 -13.60
N LYS A 217 -6.93 5.48 -14.84
CA LYS A 217 -6.54 4.41 -15.77
C LYS A 217 -5.03 4.50 -16.11
N THR A 218 -4.50 5.72 -16.34
CA THR A 218 -3.08 5.91 -16.64
C THR A 218 -2.25 5.46 -15.43
N GLU A 219 -2.68 5.85 -14.23
CA GLU A 219 -1.98 5.47 -13.01
C GLU A 219 -1.87 3.94 -12.85
N LEU A 220 -2.99 3.22 -13.05
CA LEU A 220 -3.01 1.77 -12.89
C LEU A 220 -2.20 1.06 -14.01
N ASP A 221 -2.22 1.63 -15.23
CA ASP A 221 -1.45 1.10 -16.36
C ASP A 221 0.05 1.23 -16.06
N ILE A 222 0.53 2.40 -15.56
CA ILE A 222 1.98 2.47 -15.32
C ILE A 222 2.33 1.68 -14.02
N LEU A 223 1.39 1.56 -13.05
CA LEU A 223 1.64 0.70 -11.88
C LEU A 223 1.82 -0.77 -12.34
N LYS A 224 0.95 -1.26 -13.25
CA LYS A 224 1.06 -2.64 -13.72
C LYS A 224 2.42 -2.91 -14.37
N LEU A 225 2.89 -1.98 -15.24
CA LEU A 225 4.18 -2.09 -15.90
C LEU A 225 5.30 -2.15 -14.87
N TRP A 226 5.25 -1.30 -13.82
CA TRP A 226 6.28 -1.32 -12.78
C TRP A 226 6.25 -2.65 -12.00
N ILE A 227 5.05 -3.16 -11.64
CA ILE A 227 4.93 -4.42 -10.90
C ILE A 227 5.63 -5.55 -11.68
N LEU A 228 5.45 -5.56 -13.02
CA LEU A 228 6.02 -6.57 -13.90
C LEU A 228 7.56 -6.51 -13.95
N THR A 229 8.18 -5.32 -13.76
CA THR A 229 9.64 -5.20 -13.68
C THR A 229 10.14 -5.78 -12.35
N LYS A 230 9.33 -5.63 -11.28
CA LYS A 230 9.69 -6.09 -9.93
C LYS A 230 9.46 -7.56 -9.71
N LEU A 231 8.46 -8.13 -10.40
CA LEU A 231 8.06 -9.55 -10.33
C LEU A 231 8.09 -10.16 -11.73
N PRO A 232 9.27 -10.22 -12.41
CA PRO A 232 9.30 -10.79 -13.78
C PRO A 232 8.92 -12.28 -13.81
N GLY A 233 8.32 -12.72 -14.91
CA GLY A 233 7.91 -14.12 -15.10
C GLY A 233 9.07 -15.07 -15.32
C4 6WG B . -8.60 10.35 3.63
C7 6WG B . -7.30 9.57 3.45
C6 6WG B . -9.76 12.41 4.13
C9 6WG B . -6.30 9.78 5.78
C8 6WG B . -6.10 10.02 4.29
C1 6WG B . -10.98 11.78 3.99
C2 6WG B . -11.02 10.44 3.66
C3 6WG B . -9.83 9.73 3.47
C5 6WG B . -8.58 11.71 3.95
C10 6WG B . -6.62 8.33 6.07
C11 6WG B . -7.76 7.85 5.21
N1 6WG B . -7.49 8.15 3.80
C12 6WG B . -7.32 7.15 2.92
O1 6WG B . -7.52 5.98 3.17
H6 6WG B . -7.04 9.73 2.41
H5 6WG B . -9.71 13.47 4.37
H10 6WG B . -7.11 10.43 6.14
H9 6WG B . -5.43 10.11 6.33
H8 6WG B . -5.84 11.06 4.11
H7 6WG B . -5.22 9.47 3.96
H1 6WG B . -11.90 12.32 4.15
H2 6WG B . -11.97 9.94 3.56
H3 6WG B . -9.93 8.69 3.19
H4 6WG B . -7.64 12.26 4.00
H12 6WG B . -6.91 8.21 7.11
H11 6WG B . -5.75 7.69 5.96
H14 6WG B . -8.69 8.33 5.51
H13 6WG B . -7.93 6.79 5.41
N NO3 C . -2.85 7.68 3.95
O1 NO3 C . -1.67 7.45 3.85
O2 NO3 C . -3.53 7.38 4.91
O3 NO3 C . -3.45 8.28 2.95
#